data_8P1W
#
_entry.id   8P1W
#
_cell.length_a   68.132
_cell.length_b   93.785
_cell.length_c   116.706
_cell.angle_alpha   90.000
_cell.angle_beta   90.000
_cell.angle_gamma   90.000
#
_symmetry.space_group_name_H-M   'I 2 2 2'
#
loop_
_entity.id
_entity.type
_entity.pdbx_description
1 polymer 'S-adenosylmethionine synthase isoform type-2'
2 non-polymer "5'-DEOXY-5'-METHYLTHIOADENOSINE"
3 non-polymer 'ALPHA-AMINOBUTYRIC ACID'
4 non-polymer 8-methoxy-1-(4-methoxyphenyl)-3-methyl-2-oxidanyl-[1]benzofuro[3,2-c]pyridine
5 non-polymer 'CHLORIDE ION'
6 non-polymer 1,2-ETHANEDIOL
7 water water
#
_entity_poly.entity_id   1
_entity_poly.type   'polypeptide(L)'
_entity_poly.pdbx_seq_one_letter_code
;MAHHHHHHSSGENLYFQGNGQLNGFHEAFIEEGTFLFTSESVGEGHPDKICDQISDAVLDAHLQQDPDAKVACETVAKTG
MILLAGEITSRAAVDYQKVVREAVKHIGYDDSSKGFDYKTCNVLVALEQQSPDIAQGVHLDRNEEDIGAGDQGLMFGYAT
DETEECMPLTIVLAHKLNAKLAELRRNGTLPWLRPDSKTQVTVQYMQDRGAVLPIRVHTIVISVQHDEEVCLDEMRDALK
EKVIKAVVPAKYLDEDTIYHLQPSGRFVIGGPQGDAGLTGRKIIVDTYGGWGAHGGGAFSGKDYTKVDRSAAYAARWVAK
SLVKGGLCRRVLVQVSYAIGVSHPLSISIFHYGTSQKSERELLEIVKKNFDLRPGVIVRDLDLKKPIYQRTAAYGHFGRD
SFPWEVPKKLKY
;
_entity_poly.pdbx_strand_id   AAA
#
loop_
_chem_comp.id
_chem_comp.type
_chem_comp.name
_chem_comp.formula
CL non-polymer 'CHLORIDE ION' 'Cl -1'
EDO non-polymer 1,2-ETHANEDIOL 'C2 H6 O2'
MTA non-polymer 5'-DEOXY-5'-METHYLTHIOADENOSINE 'C11 H15 N5 O3 S'
WK5 non-polymer 8-methoxy-1-(4-methoxyphenyl)-3-methyl-2-oxidanyl-[1]benzofuro[3,2-c]pyridine 'C20 H18 N O4'
#
# COMPACT_ATOMS: atom_id res chain seq x y z
N GLU A 32 -2.07 -11.01 -31.58
CA GLU A 32 -3.54 -11.31 -31.47
C GLU A 32 -3.84 -11.91 -30.09
N GLY A 33 -4.83 -11.36 -29.39
CA GLY A 33 -5.20 -11.76 -28.01
C GLY A 33 -4.25 -11.19 -26.97
N THR A 34 -3.32 -10.30 -27.36
CA THR A 34 -2.39 -9.62 -26.41
C THR A 34 -2.89 -8.20 -26.12
N PHE A 35 -2.49 -7.69 -24.96
CA PHE A 35 -2.86 -6.33 -24.53
C PHE A 35 -1.74 -5.78 -23.66
N LEU A 36 -1.69 -4.45 -23.57
CA LEU A 36 -0.76 -3.76 -22.67
C LEU A 36 -1.48 -3.43 -21.36
N PHE A 37 -0.74 -3.44 -20.27
CA PHE A 37 -1.27 -2.95 -19.00
C PHE A 37 -0.13 -2.29 -18.24
N THR A 38 -0.42 -1.15 -17.63
CA THR A 38 0.57 -0.31 -16.94
C THR A 38 0.22 -0.22 -15.46
N SER A 39 1.24 -0.30 -14.60
CA SER A 39 1.12 0.04 -13.16
C SER A 39 2.29 0.93 -12.77
N GLU A 40 2.11 1.68 -11.69
CA GLU A 40 3.20 2.52 -11.14
C GLU A 40 3.44 2.18 -9.68
N SER A 41 4.59 2.63 -9.21
CA SER A 41 4.92 2.61 -7.77
C SER A 41 5.70 3.88 -7.45
N VAL A 42 5.87 4.15 -6.17
CA VAL A 42 6.67 5.32 -5.73
C VAL A 42 7.60 4.89 -4.60
N GLY A 43 8.62 5.68 -4.41
CA GLY A 43 9.60 5.43 -3.35
C GLY A 43 9.18 5.96 -2.00
N GLU A 44 10.00 5.65 -1.02
CA GLU A 44 9.72 6.01 0.40
C GLU A 44 9.71 7.54 0.56
N GLY A 45 10.44 8.28 -0.26
CA GLY A 45 10.51 9.74 -0.14
C GLY A 45 9.54 10.46 -1.03
N HIS A 46 8.72 9.75 -1.80
CA HIS A 46 7.63 10.41 -2.53
C HIS A 46 6.74 11.08 -1.49
N PRO A 47 6.36 12.38 -1.64
CA PRO A 47 5.71 13.09 -0.53
CA PRO A 47 5.70 13.09 -0.54
C PRO A 47 4.39 12.46 -0.04
N ASP A 48 3.58 11.91 -0.94
CA ASP A 48 2.37 11.18 -0.48
C ASP A 48 2.75 9.97 0.36
N LYS A 49 3.79 9.24 -0.06
CA LYS A 49 4.23 8.06 0.69
C LYS A 49 4.87 8.45 2.03
N ILE A 50 5.55 9.59 2.09
CA ILE A 50 6.07 10.10 3.38
C ILE A 50 4.89 10.20 4.36
N CYS A 51 3.79 10.76 3.88
CA CYS A 51 2.59 10.96 4.72
C CYS A 51 2.02 9.62 5.18
N ASP A 52 1.92 8.65 4.28
CA ASP A 52 1.42 7.31 4.67
C ASP A 52 2.31 6.72 5.77
N GLN A 53 3.63 6.79 5.58
CA GLN A 53 4.57 6.20 6.55
C GLN A 53 4.47 6.91 7.91
N ILE A 54 4.36 8.24 7.91
CA ILE A 54 4.23 8.99 9.19
C ILE A 54 2.91 8.63 9.85
N SER A 55 1.81 8.60 9.09
CA SER A 55 0.49 8.24 9.66
C SER A 55 0.58 6.87 10.33
N ASP A 56 1.26 5.92 9.69
CA ASP A 56 1.37 4.56 10.26
C ASP A 56 2.40 4.50 11.39
N ALA A 57 3.43 5.35 11.39
CA ALA A 57 4.35 5.46 12.54
C ALA A 57 3.57 5.94 13.76
N VAL A 58 2.67 6.89 13.56
CA VAL A 58 1.83 7.42 14.67
C VAL A 58 0.90 6.30 15.16
N LEU A 59 0.24 5.60 14.23
CA LEU A 59 -0.62 4.46 14.63
C LEU A 59 0.18 3.44 15.45
N ASP A 60 1.34 3.04 14.96
CA ASP A 60 2.17 2.04 15.66
C ASP A 60 2.56 2.54 17.06
N ALA A 61 2.93 3.83 17.17
CA ALA A 61 3.34 4.40 18.48
C ALA A 61 2.19 4.26 19.46
N HIS A 62 0.96 4.54 19.02
CA HIS A 62 -0.23 4.36 19.89
C HIS A 62 -0.42 2.89 20.24
N LEU A 63 -0.41 2.02 19.24
CA LEU A 63 -0.72 0.58 19.48
C LEU A 63 0.32 -0.08 20.39
N GLN A 64 1.56 0.42 20.39
CA GLN A 64 2.63 -0.13 21.26
C GLN A 64 2.23 -0.01 22.73
N GLN A 65 1.49 1.05 23.08
CA GLN A 65 1.06 1.31 24.47
C GLN A 65 -0.41 0.95 24.72
N ASP A 66 -1.27 1.14 23.72
CA ASP A 66 -2.72 0.94 23.86
C ASP A 66 -3.19 0.15 22.64
N PRO A 67 -3.29 -1.19 22.73
CA PRO A 67 -3.72 -1.99 21.59
C PRO A 67 -5.12 -1.62 21.06
N ASP A 68 -5.93 -0.96 21.88
CA ASP A 68 -7.30 -0.54 21.51
C ASP A 68 -7.39 0.92 21.13
N ALA A 69 -6.26 1.57 20.84
CA ALA A 69 -6.27 2.98 20.39
C ALA A 69 -7.18 3.13 19.17
N LYS A 70 -7.96 4.19 19.16
CA LYS A 70 -8.78 4.60 18.01
C LYS A 70 -8.01 5.70 17.30
N VAL A 71 -7.55 5.43 16.09
CA VAL A 71 -6.59 6.30 15.38
C VAL A 71 -7.14 6.58 13.99
N ALA A 72 -7.14 7.84 13.62
CA ALA A 72 -7.50 8.35 12.29
C ALA A 72 -6.58 9.53 11.99
N CYS A 73 -5.32 9.22 11.71
CA CYS A 73 -4.24 10.24 11.64
C CYS A 73 -3.89 10.52 10.18
N GLU A 74 -4.30 11.67 9.69
CA GLU A 74 -3.89 12.16 8.36
C GLU A 74 -2.61 12.95 8.52
N THR A 75 -1.74 12.87 7.54
CA THR A 75 -0.50 13.67 7.47
C THR A 75 -0.50 14.47 6.18
N VAL A 76 -0.01 15.71 6.27
CA VAL A 76 0.19 16.64 5.14
CA VAL A 76 0.23 16.54 5.06
C VAL A 76 1.67 17.02 5.14
N ALA A 77 2.31 17.01 4.00
CA ALA A 77 3.73 17.40 3.89
C ALA A 77 3.89 18.44 2.81
N LYS A 78 4.55 19.53 3.14
CA LYS A 78 4.95 20.54 2.14
C LYS A 78 6.31 21.06 2.63
N THR A 79 6.96 21.89 1.85
CA THR A 79 8.28 22.45 2.20
C THR A 79 8.35 22.74 3.69
N GLY A 80 9.25 22.05 4.39
CA GLY A 80 9.56 22.33 5.80
C GLY A 80 8.48 21.93 6.78
N MET A 81 7.40 21.27 6.37
CA MET A 81 6.23 21.06 7.25
C MET A 81 5.74 19.63 7.17
N ILE A 82 5.56 19.03 8.34
CA ILE A 82 4.67 17.87 8.55
C ILE A 82 3.53 18.34 9.45
N LEU A 83 2.30 18.24 8.96
CA LEU A 83 1.10 18.50 9.78
C LEU A 83 0.37 17.17 10.01
N LEU A 84 0.05 16.87 11.26
CA LEU A 84 -0.86 15.77 11.64
C LEU A 84 -2.26 16.34 11.87
N ALA A 85 -3.26 15.80 11.22
CA ALA A 85 -4.66 16.26 11.37
C ALA A 85 -5.54 15.04 11.51
N GLY A 86 -6.46 15.05 12.46
CA GLY A 86 -7.36 13.91 12.60
C GLY A 86 -7.73 13.66 14.04
N GLU A 87 -8.05 12.41 14.33
CA GLU A 87 -8.75 12.04 15.57
C GLU A 87 -8.10 10.80 16.18
N ILE A 88 -7.67 10.94 17.42
CA ILE A 88 -7.06 9.82 18.18
C ILE A 88 -7.66 9.83 19.58
N THR A 89 -8.19 8.69 19.99
CA THR A 89 -8.58 8.43 21.39
C THR A 89 -7.76 7.23 21.85
N SER A 90 -6.90 7.46 22.84
CA SER A 90 -5.87 6.48 23.20
C SER A 90 -5.40 6.74 24.62
N ARG A 91 -5.01 5.68 25.31
CA ARG A 91 -4.35 5.76 26.64
C ARG A 91 -2.85 5.99 26.48
N ALA A 92 -2.32 5.94 25.26
CA ALA A 92 -0.87 6.05 25.03
C ALA A 92 -0.39 7.49 25.28
N ALA A 93 0.85 7.62 25.74
CA ALA A 93 1.57 8.91 25.82
C ALA A 93 2.57 8.92 24.67
N VAL A 94 2.25 9.63 23.61
CA VAL A 94 3.04 9.61 22.35
C VAL A 94 3.72 10.95 22.16
N ASP A 95 5.03 10.90 21.92
CA ASP A 95 5.85 12.08 21.57
C ASP A 95 5.78 12.23 20.05
N TYR A 96 4.85 13.04 19.56
CA TYR A 96 4.63 13.20 18.10
C TYR A 96 5.89 13.76 17.44
N GLN A 97 6.59 14.68 18.10
CA GLN A 97 7.83 15.26 17.53
C GLN A 97 8.82 14.12 17.22
N LYS A 98 9.05 13.23 18.19
CA LYS A 98 10.02 12.12 18.04
C LYS A 98 9.52 11.14 16.98
N VAL A 99 8.25 10.75 17.04
CA VAL A 99 7.72 9.73 16.11
C VAL A 99 7.82 10.25 14.67
N VAL A 100 7.37 11.46 14.44
CA VAL A 100 7.41 12.04 13.06
C VAL A 100 8.85 12.16 12.60
N ARG A 101 9.73 12.72 13.42
CA ARG A 101 11.11 13.00 12.97
C ARG A 101 11.86 11.69 12.75
N GLU A 102 11.63 10.68 13.56
CA GLU A 102 12.31 9.38 13.36
C GLU A 102 11.83 8.76 12.03
N ALA A 103 10.56 8.91 11.68
CA ALA A 103 10.06 8.35 10.40
C ALA A 103 10.76 9.07 9.23
N VAL A 104 10.87 10.39 9.30
CA VAL A 104 11.52 11.18 8.22
C VAL A 104 13.00 10.81 8.13
N LYS A 105 13.66 10.64 9.28
CA LYS A 105 15.07 10.18 9.33
C LYS A 105 15.20 8.84 8.61
N HIS A 106 14.32 7.89 8.90
CA HIS A 106 14.39 6.55 8.27
C HIS A 106 14.30 6.68 6.75
N ILE A 107 13.40 7.53 6.28
CA ILE A 107 13.16 7.74 4.82
C ILE A 107 14.45 8.28 4.17
N GLY A 108 15.18 9.14 4.88
CA GLY A 108 16.49 9.64 4.41
C GLY A 108 16.54 11.14 4.24
N TYR A 109 15.52 11.88 4.65
CA TYR A 109 15.54 13.36 4.55
C TYR A 109 16.20 13.94 5.79
N ASP A 110 17.52 14.15 5.68
CA ASP A 110 18.37 14.48 6.84
C ASP A 110 19.24 15.69 6.58
N ASP A 111 18.91 16.54 5.61
CA ASP A 111 19.76 17.73 5.33
C ASP A 111 19.01 18.69 4.42
N SER A 112 19.22 19.98 4.62
CA SER A 112 18.56 21.00 3.78
C SER A 112 19.01 20.84 2.31
N SER A 113 20.19 20.29 2.04
CA SER A 113 20.65 20.04 0.64
C SER A 113 19.70 19.10 -0.10
N LYS A 114 19.01 18.20 0.62
CA LYS A 114 18.10 17.19 0.03
C LYS A 114 16.68 17.75 -0.06
N GLY A 115 16.46 18.95 0.48
CA GLY A 115 15.15 19.64 0.39
C GLY A 115 14.30 19.47 1.64
N PHE A 116 14.73 18.64 2.59
CA PHE A 116 13.92 18.33 3.78
C PHE A 116 14.84 17.72 4.82
N ASP A 117 14.63 18.06 6.09
CA ASP A 117 15.50 17.58 7.17
C ASP A 117 14.65 17.29 8.41
N TYR A 118 14.68 16.03 8.86
CA TYR A 118 13.93 15.62 10.07
C TYR A 118 14.37 16.46 11.26
N LYS A 119 15.62 16.93 11.29
CA LYS A 119 16.13 17.61 12.52
C LYS A 119 15.49 18.98 12.67
N THR A 120 15.14 19.63 11.56
CA THR A 120 14.85 21.08 11.54
C THR A 120 13.50 21.41 10.91
N CYS A 121 12.73 20.43 10.45
CA CYS A 121 11.40 20.72 9.86
C CYS A 121 10.43 21.12 10.97
N ASN A 122 9.34 21.72 10.57
CA ASN A 122 8.18 22.06 11.42
C ASN A 122 7.32 20.81 11.55
N VAL A 123 6.96 20.43 12.76
CA VAL A 123 5.93 19.40 13.04
C VAL A 123 4.77 20.08 13.77
N LEU A 124 3.63 20.18 13.09
CA LEU A 124 2.39 20.84 13.57
CA LEU A 124 2.40 20.84 13.56
C LEU A 124 1.37 19.75 13.86
N VAL A 125 0.63 19.87 14.95
CA VAL A 125 -0.35 18.84 15.35
C VAL A 125 -1.74 19.47 15.52
N ALA A 126 -2.72 18.95 14.79
CA ALA A 126 -4.15 19.33 14.87
C ALA A 126 -4.95 18.05 15.12
N LEU A 127 -4.72 17.43 16.26
CA LEU A 127 -5.32 16.13 16.62
C LEU A 127 -6.30 16.36 17.77
N GLU A 128 -7.48 15.78 17.63
CA GLU A 128 -8.52 15.81 18.66
CA GLU A 128 -8.56 15.82 18.63
C GLU A 128 -8.95 14.39 18.97
N GLN A 129 -9.78 14.23 19.98
CA GLN A 129 -10.42 12.93 20.31
CA GLN A 129 -10.34 12.88 20.26
C GLN A 129 -11.31 12.48 19.14
N GLN A 130 -11.51 11.19 19.01
CA GLN A 130 -12.56 10.66 18.13
C GLN A 130 -13.90 11.29 18.50
N SER A 131 -14.69 11.64 17.50
CA SER A 131 -16.07 12.10 17.70
C SER A 131 -16.80 11.16 18.66
N PRO A 132 -17.40 11.64 19.77
CA PRO A 132 -18.20 10.78 20.63
CA PRO A 132 -18.20 10.76 20.63
C PRO A 132 -19.40 10.17 19.89
N ASP A 133 -19.92 10.87 18.87
CA ASP A 133 -21.05 10.33 18.08
C ASP A 133 -20.60 9.10 17.31
N ILE A 134 -19.40 9.13 16.73
CA ILE A 134 -18.86 7.93 16.06
C ILE A 134 -18.61 6.86 17.12
N ALA A 135 -17.95 7.21 18.21
CA ALA A 135 -17.57 6.20 19.22
C ALA A 135 -18.82 5.45 19.69
N GLN A 136 -19.90 6.18 19.99
CA GLN A 136 -21.11 5.53 20.55
C GLN A 136 -21.77 4.64 19.49
N GLY A 137 -21.66 5.00 18.22
CA GLY A 137 -22.31 4.25 17.13
C GLY A 137 -21.52 3.05 16.69
N VAL A 138 -20.22 3.01 17.00
CA VAL A 138 -19.29 1.99 16.44
C VAL A 138 -18.89 0.98 17.52
N HIS A 139 -18.34 1.44 18.65
CA HIS A 139 -17.63 0.52 19.57
C HIS A 139 -18.01 0.66 21.05
N LEU A 140 -18.53 1.79 21.50
CA LEU A 140 -18.75 1.95 22.96
C LEU A 140 -19.80 0.94 23.43
N ASP A 141 -19.47 0.24 24.50
CA ASP A 141 -20.35 -0.77 25.14
C ASP A 141 -20.73 -1.86 24.15
N ARG A 142 -19.83 -2.16 23.20
N ARG A 142 -19.84 -2.20 23.22
CA ARG A 142 -19.97 -3.29 22.25
CA ARG A 142 -20.07 -3.32 22.28
C ARG A 142 -19.01 -4.41 22.67
C ARG A 142 -19.01 -4.39 22.50
N ASN A 143 -19.46 -5.64 22.54
CA ASN A 143 -18.59 -6.83 22.56
C ASN A 143 -17.61 -6.71 21.38
N GLU A 144 -16.34 -7.02 21.58
CA GLU A 144 -15.33 -6.77 20.52
C GLU A 144 -15.77 -7.45 19.22
N GLU A 145 -16.18 -8.72 19.26
CA GLU A 145 -16.56 -9.45 18.01
C GLU A 145 -17.71 -8.74 17.29
N ASP A 146 -18.53 -8.00 18.04
CA ASP A 146 -19.76 -7.35 17.53
C ASP A 146 -19.61 -5.85 17.40
N ILE A 147 -18.39 -5.33 17.38
CA ILE A 147 -18.15 -3.89 17.08
CA ILE A 147 -18.19 -3.88 17.08
C ILE A 147 -18.71 -3.60 15.67
N GLY A 148 -19.28 -2.43 15.48
CA GLY A 148 -19.72 -2.02 14.16
C GLY A 148 -18.54 -1.66 13.28
N ALA A 149 -18.73 -1.73 11.98
CA ALA A 149 -17.81 -1.09 11.05
C ALA A 149 -17.60 0.37 11.47
N GLY A 150 -16.38 0.87 11.36
CA GLY A 150 -16.07 2.25 11.75
C GLY A 150 -16.57 3.28 10.75
N ASP A 151 -17.02 2.83 9.59
CA ASP A 151 -17.57 3.68 8.53
C ASP A 151 -18.35 2.77 7.58
N GLN A 152 -19.15 3.38 6.72
CA GLN A 152 -19.62 2.64 5.53
C GLN A 152 -18.43 2.50 4.56
N GLY A 153 -18.64 1.71 3.51
CA GLY A 153 -17.74 1.72 2.37
C GLY A 153 -17.71 0.38 1.69
N LEU A 154 -16.97 0.35 0.59
CA LEU A 154 -16.78 -0.87 -0.21
C LEU A 154 -15.29 -1.13 -0.32
N MET A 155 -14.94 -2.40 -0.41
CA MET A 155 -13.52 -2.82 -0.43
C MET A 155 -13.42 -4.02 -1.35
N PHE A 156 -12.30 -4.12 -2.05
CA PHE A 156 -12.05 -5.28 -2.93
C PHE A 156 -10.78 -5.99 -2.48
N GLY A 157 -10.78 -7.28 -2.75
CA GLY A 157 -9.58 -8.12 -2.70
C GLY A 157 -9.33 -8.69 -4.07
N TYR A 158 -8.07 -8.91 -4.41
CA TYR A 158 -7.69 -9.43 -5.73
C TYR A 158 -6.50 -10.36 -5.55
N ALA A 159 -6.47 -11.39 -6.37
CA ALA A 159 -5.30 -12.28 -6.46
C ALA A 159 -5.22 -12.85 -7.87
N THR A 160 -3.99 -13.07 -8.33
CA THR A 160 -3.69 -13.56 -9.68
C THR A 160 -2.54 -14.56 -9.58
N ASP A 161 -2.65 -15.69 -10.25
CA ASP A 161 -1.60 -16.73 -10.19
C ASP A 161 -0.39 -16.39 -11.07
N GLU A 162 -0.32 -15.19 -11.65
CA GLU A 162 0.75 -14.87 -12.62
C GLU A 162 2.11 -14.74 -11.92
N THR A 163 2.14 -14.51 -10.61
CA THR A 163 3.38 -14.49 -9.79
C THR A 163 3.17 -15.37 -8.55
N GLU A 164 4.24 -15.85 -7.93
CA GLU A 164 4.13 -16.70 -6.71
C GLU A 164 3.41 -15.91 -5.61
N GLU A 165 3.69 -14.60 -5.52
CA GLU A 165 3.08 -13.73 -4.47
C GLU A 165 1.66 -13.33 -4.83
N CYS A 166 1.13 -13.84 -5.94
CA CYS A 166 -0.30 -13.72 -6.33
CA CYS A 166 -0.30 -13.69 -6.27
C CYS A 166 -0.65 -12.24 -6.60
N MET A 167 0.29 -11.52 -7.18
CA MET A 167 0.14 -10.09 -7.53
C MET A 167 0.41 -9.89 -9.00
N PRO A 168 -0.13 -8.79 -9.58
CA PRO A 168 0.20 -8.43 -10.96
C PRO A 168 1.70 -8.17 -11.14
N LEU A 169 2.28 -8.69 -12.21
CA LEU A 169 3.74 -8.47 -12.44
C LEU A 169 4.03 -6.98 -12.61
N THR A 170 3.14 -6.22 -13.24
CA THR A 170 3.36 -4.78 -13.48
C THR A 170 3.71 -4.08 -12.17
N ILE A 171 2.89 -4.27 -11.15
CA ILE A 171 3.05 -3.56 -9.84
CA ILE A 171 3.13 -3.50 -9.90
C ILE A 171 4.26 -4.16 -9.10
N VAL A 172 4.43 -5.47 -9.15
CA VAL A 172 5.58 -6.10 -8.45
C VAL A 172 6.88 -5.48 -8.99
N LEU A 173 7.03 -5.42 -10.30
CA LEU A 173 8.26 -4.85 -10.88
C LEU A 173 8.39 -3.38 -10.52
N ALA A 174 7.30 -2.62 -10.60
CA ALA A 174 7.35 -1.18 -10.27
C ALA A 174 7.83 -0.99 -8.82
N HIS A 175 7.28 -1.75 -7.88
CA HIS A 175 7.72 -1.65 -6.46
C HIS A 175 9.20 -2.00 -6.35
N LYS A 176 9.61 -3.09 -6.97
CA LYS A 176 11.01 -3.57 -6.84
C LYS A 176 11.99 -2.53 -7.41
N LEU A 177 11.60 -1.81 -8.45
CA LEU A 177 12.49 -0.75 -8.99
C LEU A 177 12.68 0.34 -7.93
N ASN A 178 11.62 0.76 -7.23
CA ASN A 178 11.79 1.76 -6.16
C ASN A 178 12.62 1.18 -5.01
N ALA A 179 12.42 -0.07 -4.64
CA ALA A 179 13.19 -0.70 -3.54
C ALA A 179 14.66 -0.72 -3.92
N LYS A 180 14.97 -1.00 -5.18
CA LYS A 180 16.36 -1.06 -5.65
C LYS A 180 16.99 0.34 -5.55
N LEU A 181 16.27 1.38 -5.95
CA LEU A 181 16.80 2.76 -5.80
C LEU A 181 17.13 3.03 -4.33
N ALA A 182 16.23 2.69 -3.41
CA ALA A 182 16.49 2.94 -1.98
C ALA A 182 17.71 2.15 -1.51
N GLU A 183 17.85 0.91 -1.98
CA GLU A 183 18.98 0.05 -1.59
C GLU A 183 20.30 0.69 -2.05
N LEU A 184 20.35 1.18 -3.28
CA LEU A 184 21.61 1.73 -3.86
C LEU A 184 21.90 3.11 -3.28
N ARG A 185 20.88 3.84 -2.88
CA ARG A 185 21.07 5.09 -2.12
C ARG A 185 21.68 4.75 -0.75
N ARG A 186 21.06 3.83 -0.02
CA ARG A 186 21.44 3.55 1.37
C ARG A 186 22.81 2.89 1.44
N ASN A 187 23.21 2.11 0.44
CA ASN A 187 24.51 1.40 0.49
C ASN A 187 25.62 2.26 -0.12
N GLY A 188 25.29 3.45 -0.61
CA GLY A 188 26.28 4.42 -1.12
C GLY A 188 26.81 4.11 -2.51
N THR A 189 26.22 3.12 -3.20
N THR A 189 26.28 3.16 -3.26
CA THR A 189 26.54 2.72 -4.61
CA THR A 189 26.81 2.90 -4.63
C THR A 189 26.28 3.93 -5.54
C THR A 189 26.29 3.95 -5.61
N LEU A 190 25.11 4.54 -5.38
CA LEU A 190 24.64 5.72 -6.18
C LEU A 190 24.36 6.85 -5.20
N PRO A 191 25.42 7.52 -4.69
CA PRO A 191 25.22 8.48 -3.61
C PRO A 191 24.56 9.80 -4.05
N TRP A 192 24.39 10.00 -5.35
CA TRP A 192 23.65 11.15 -5.91
C TRP A 192 22.13 10.96 -5.78
N LEU A 193 21.67 9.75 -5.45
CA LEU A 193 20.23 9.51 -5.29
C LEU A 193 19.68 10.23 -4.07
N ARG A 194 18.44 10.68 -4.20
CA ARG A 194 17.66 11.24 -3.08
CA ARG A 194 17.68 11.23 -3.06
C ARG A 194 16.41 10.38 -2.91
N PRO A 195 15.66 10.53 -1.79
CA PRO A 195 14.60 9.57 -1.47
C PRO A 195 13.34 9.54 -2.35
N ASP A 196 13.04 10.64 -3.04
CA ASP A 196 11.79 10.79 -3.83
C ASP A 196 11.96 10.09 -5.19
N SER A 197 11.13 9.10 -5.49
CA SER A 197 11.20 8.39 -6.78
C SER A 197 9.81 7.95 -7.21
N LYS A 198 9.68 7.72 -8.50
CA LYS A 198 8.48 7.12 -9.11
C LYS A 198 8.94 6.19 -10.21
N THR A 199 8.22 5.09 -10.37
CA THR A 199 8.50 4.13 -11.47
C THR A 199 7.19 3.71 -12.11
N GLN A 200 7.28 3.19 -13.32
CA GLN A 200 6.06 2.78 -14.04
C GLN A 200 6.46 1.70 -15.02
N VAL A 201 5.69 0.63 -15.04
CA VAL A 201 6.00 -0.55 -15.87
C VAL A 201 4.77 -0.91 -16.70
N THR A 202 4.99 -1.01 -18.01
CA THR A 202 3.97 -1.48 -18.97
C THR A 202 4.39 -2.88 -19.41
N VAL A 203 3.50 -3.85 -19.21
CA VAL A 203 3.74 -5.26 -19.62
C VAL A 203 2.74 -5.61 -20.72
N GLN A 204 3.23 -6.36 -21.71
CA GLN A 204 2.38 -7.02 -22.72
C GLN A 204 1.97 -8.38 -22.17
N TYR A 205 0.67 -8.62 -22.14
CA TYR A 205 0.05 -9.85 -21.60
C TYR A 205 -0.64 -10.62 -22.70
N MET A 206 -0.75 -11.93 -22.52
CA MET A 206 -1.77 -12.73 -23.22
C MET A 206 -2.80 -13.21 -22.19
N GLN A 207 -3.97 -13.59 -22.67
CA GLN A 207 -5.04 -14.15 -21.81
C GLN A 207 -5.13 -15.65 -22.09
N ASP A 208 -5.46 -16.43 -21.06
CA ASP A 208 -5.71 -17.88 -21.12
C ASP A 208 -6.93 -18.19 -20.25
N ARG A 209 -8.12 -18.24 -20.86
CA ARG A 209 -9.38 -18.64 -20.20
C ARG A 209 -9.57 -17.77 -18.95
N GLY A 210 -9.36 -16.47 -19.07
CA GLY A 210 -9.58 -15.50 -17.98
C GLY A 210 -8.35 -15.23 -17.15
N ALA A 211 -7.37 -16.14 -17.13
CA ALA A 211 -6.07 -15.90 -16.45
C ALA A 211 -5.23 -15.01 -17.37
N VAL A 212 -4.22 -14.35 -16.81
CA VAL A 212 -3.36 -13.45 -17.61
C VAL A 212 -1.92 -13.91 -17.48
N LEU A 213 -1.18 -13.85 -18.58
CA LEU A 213 0.20 -14.38 -18.69
C LEU A 213 1.09 -13.25 -19.20
N PRO A 214 2.08 -12.78 -18.41
N PRO A 214 1.99 -12.71 -18.36
CA PRO A 214 2.93 -11.68 -18.86
CA PRO A 214 3.01 -11.76 -18.83
C PRO A 214 3.98 -12.20 -19.86
C PRO A 214 3.84 -12.34 -19.99
N ILE A 215 4.12 -11.52 -21.00
CA ILE A 215 4.99 -11.90 -22.15
C ILE A 215 6.29 -11.09 -22.10
N ARG A 216 6.18 -9.77 -21.99
CA ARG A 216 7.37 -8.90 -22.15
C ARG A 216 7.10 -7.56 -21.49
N VAL A 217 8.16 -6.89 -21.12
CA VAL A 217 8.10 -5.50 -20.63
C VAL A 217 8.20 -4.60 -21.86
N HIS A 218 7.16 -3.77 -22.03
CA HIS A 218 7.01 -2.87 -23.19
C HIS A 218 7.67 -1.53 -22.92
N THR A 219 7.45 -0.95 -21.74
CA THR A 219 7.95 0.39 -21.38
C THR A 219 8.28 0.43 -19.89
N ILE A 220 9.38 1.08 -19.54
CA ILE A 220 9.71 1.40 -18.13
C ILE A 220 9.96 2.90 -18.02
N VAL A 221 9.37 3.51 -17.00
CA VAL A 221 9.66 4.89 -16.59
C VAL A 221 10.34 4.83 -15.23
N ILE A 222 11.41 5.61 -15.05
CA ILE A 222 11.96 5.88 -13.72
C ILE A 222 12.27 7.37 -13.63
N SER A 223 11.74 8.02 -12.59
CA SER A 223 12.12 9.39 -12.21
C SER A 223 12.59 9.35 -10.77
N VAL A 224 13.78 9.90 -10.51
CA VAL A 224 14.29 9.90 -9.13
C VAL A 224 15.01 11.21 -8.84
N GLN A 225 14.77 11.73 -7.65
CA GLN A 225 15.41 12.97 -7.19
C GLN A 225 16.91 12.73 -7.09
N HIS A 226 17.70 13.75 -7.37
CA HIS A 226 19.16 13.59 -7.45
C HIS A 226 19.86 14.88 -7.02
N ASP A 227 21.16 14.75 -6.81
CA ASP A 227 21.99 15.90 -6.40
C ASP A 227 22.36 16.77 -7.62
N GLU A 228 23.02 17.88 -7.34
CA GLU A 228 23.36 18.92 -8.35
CA GLU A 228 23.36 18.92 -8.37
C GLU A 228 24.66 18.56 -9.10
N GLU A 229 25.35 17.49 -8.68
CA GLU A 229 26.68 17.15 -9.23
C GLU A 229 26.53 16.19 -10.42
N VAL A 230 25.65 15.20 -10.33
CA VAL A 230 25.62 14.08 -11.30
C VAL A 230 24.98 14.57 -12.62
N CYS A 231 25.53 14.17 -13.76
N CYS A 231 25.54 14.05 -13.73
CA CYS A 231 24.93 14.57 -15.05
CA CYS A 231 25.12 14.33 -15.13
C CYS A 231 23.91 13.54 -15.50
C CYS A 231 23.91 13.47 -15.51
N LEU A 232 23.04 13.98 -16.39
CA LEU A 232 21.88 13.22 -16.90
C LEU A 232 22.32 11.89 -17.52
N ASP A 233 23.40 11.89 -18.31
CA ASP A 233 23.83 10.63 -18.98
C ASP A 233 24.31 9.61 -17.94
N GLU A 234 25.01 10.05 -16.91
CA GLU A 234 25.46 9.15 -15.84
C GLU A 234 24.23 8.54 -15.17
N MET A 235 23.23 9.36 -14.88
CA MET A 235 22.01 8.85 -14.21
C MET A 235 21.30 7.84 -15.12
N ARG A 236 21.13 8.17 -16.40
CA ARG A 236 20.36 7.27 -17.29
C ARG A 236 21.10 5.93 -17.46
N ASP A 237 22.41 5.98 -17.61
CA ASP A 237 23.22 4.74 -17.70
C ASP A 237 23.06 3.92 -16.41
N ALA A 238 23.17 4.54 -15.24
CA ALA A 238 23.06 3.82 -13.96
C ALA A 238 21.65 3.25 -13.79
N LEU A 239 20.63 4.00 -14.17
CA LEU A 239 19.25 3.49 -14.00
C LEU A 239 19.03 2.26 -14.88
N LYS A 240 19.62 2.23 -16.07
CA LYS A 240 19.46 1.02 -16.92
C LYS A 240 20.29 -0.13 -16.34
N GLU A 241 21.58 0.11 -16.07
CA GLU A 241 22.53 -0.99 -15.77
C GLU A 241 22.46 -1.48 -14.33
N LYS A 242 22.25 -0.57 -13.36
N LYS A 242 22.28 -0.56 -13.36
CA LYS A 242 22.34 -0.93 -11.93
CA LYS A 242 22.33 -0.89 -11.91
C LYS A 242 20.94 -1.01 -11.30
C LYS A 242 20.93 -1.09 -11.33
N VAL A 243 19.90 -0.52 -11.96
CA VAL A 243 18.52 -0.59 -11.39
C VAL A 243 17.69 -1.56 -12.23
N ILE A 244 17.40 -1.21 -13.47
CA ILE A 244 16.50 -2.08 -14.29
C ILE A 244 17.12 -3.46 -14.44
N LYS A 245 18.38 -3.55 -14.81
CA LYS A 245 18.97 -4.89 -15.07
C LYS A 245 19.06 -5.70 -13.79
N ALA A 246 19.12 -5.06 -12.62
CA ALA A 246 19.20 -5.73 -11.31
C ALA A 246 17.81 -6.18 -10.83
N VAL A 247 16.74 -5.77 -11.51
CA VAL A 247 15.34 -6.04 -11.04
C VAL A 247 14.57 -6.87 -12.06
N VAL A 248 14.57 -6.45 -13.32
CA VAL A 248 13.68 -7.03 -14.36
C VAL A 248 14.41 -8.16 -15.05
N PRO A 249 13.89 -9.40 -15.00
CA PRO A 249 14.52 -10.50 -15.73
C PRO A 249 14.71 -10.19 -17.22
N ALA A 250 15.89 -10.54 -17.73
CA ALA A 250 16.28 -10.22 -19.11
C ALA A 250 15.29 -10.86 -20.10
N LYS A 251 14.65 -11.96 -19.72
CA LYS A 251 13.70 -12.66 -20.62
C LYS A 251 12.51 -11.76 -20.97
N TYR A 252 12.23 -10.73 -20.17
CA TYR A 252 11.12 -9.79 -20.44
C TYR A 252 11.58 -8.57 -21.25
N LEU A 253 12.88 -8.35 -21.40
CA LEU A 253 13.43 -7.13 -22.04
C LEU A 253 13.96 -7.49 -23.43
N ASP A 254 13.73 -6.63 -24.40
CA ASP A 254 14.27 -6.86 -25.76
C ASP A 254 14.66 -5.51 -26.38
N GLU A 255 15.12 -5.54 -27.63
CA GLU A 255 15.62 -4.35 -28.35
C GLU A 255 14.50 -3.32 -28.55
N ASP A 256 13.22 -3.72 -28.43
CA ASP A 256 12.05 -2.83 -28.65
C ASP A 256 11.57 -2.22 -27.34
N THR A 257 12.01 -2.72 -26.19
CA THR A 257 11.58 -2.15 -24.88
C THR A 257 11.92 -0.67 -24.85
N ILE A 258 10.97 0.15 -24.43
CA ILE A 258 11.12 1.63 -24.37
C ILE A 258 11.49 2.01 -22.94
N TYR A 259 12.50 2.86 -22.81
CA TYR A 259 12.98 3.36 -21.52
C TYR A 259 12.82 4.87 -21.47
N HIS A 260 12.09 5.35 -20.47
CA HIS A 260 11.97 6.78 -20.14
C HIS A 260 12.60 6.99 -18.78
N LEU A 261 13.89 7.32 -18.79
CA LEU A 261 14.73 7.40 -17.57
C LEU A 261 15.06 8.86 -17.34
N GLN A 262 14.71 9.38 -16.18
CA GLN A 262 14.78 10.84 -15.91
C GLN A 262 14.17 11.62 -17.07
N PRO A 263 12.92 11.28 -17.51
CA PRO A 263 12.34 11.95 -18.67
C PRO A 263 12.09 13.46 -18.50
N SER A 264 12.00 13.95 -17.27
CA SER A 264 11.85 15.41 -17.07
C SER A 264 13.16 16.14 -17.33
N GLY A 265 14.29 15.44 -17.31
CA GLY A 265 15.61 16.04 -17.53
C GLY A 265 16.27 16.59 -16.29
N ARG A 266 15.53 16.91 -15.24
CA ARG A 266 16.11 17.50 -14.01
C ARG A 266 15.12 17.31 -12.88
N PHE A 267 15.60 16.76 -11.77
CA PHE A 267 14.78 16.43 -10.59
C PHE A 267 15.67 16.63 -9.36
N VAL A 268 16.12 17.86 -9.16
CA VAL A 268 16.93 18.23 -7.97
C VAL A 268 15.99 18.60 -6.83
N ILE A 269 15.02 19.46 -7.12
CA ILE A 269 13.94 19.79 -6.16
C ILE A 269 13.04 18.56 -6.07
N GLY A 270 12.78 18.08 -4.87
CA GLY A 270 11.93 16.91 -4.70
C GLY A 270 11.43 16.79 -3.29
N GLY A 271 10.83 15.67 -2.97
CA GLY A 271 10.16 15.51 -1.67
C GLY A 271 9.06 16.56 -1.55
N PRO A 272 8.64 16.88 -0.31
CA PRO A 272 7.56 17.83 -0.10
C PRO A 272 7.80 19.22 -0.70
N GLN A 273 9.07 19.61 -0.88
CA GLN A 273 9.38 20.90 -1.53
C GLN A 273 8.89 20.88 -2.98
N GLY A 274 9.00 19.76 -3.69
CA GLY A 274 8.57 19.69 -5.09
C GLY A 274 7.06 19.54 -5.26
N ASP A 275 6.38 18.96 -4.28
CA ASP A 275 4.98 18.53 -4.45
C ASP A 275 4.41 18.26 -3.06
N ALA A 276 3.30 18.92 -2.72
CA ALA A 276 2.61 18.64 -1.45
C ALA A 276 2.14 17.20 -1.43
N GLY A 277 2.37 16.52 -0.31
CA GLY A 277 1.92 15.16 -0.07
C GLY A 277 0.80 15.10 0.94
N LEU A 278 -0.03 14.08 0.81
CA LEU A 278 -1.14 13.81 1.74
C LEU A 278 -1.22 12.32 1.97
N THR A 279 -1.68 11.92 3.13
CA THR A 279 -2.00 10.50 3.41
C THR A 279 -3.12 10.03 2.49
N GLY A 280 -3.02 8.81 1.98
CA GLY A 280 -4.12 8.16 1.24
C GLY A 280 -4.28 8.67 -0.17
N ARG A 281 -3.19 9.13 -0.79
CA ARG A 281 -3.16 9.61 -2.19
C ARG A 281 -2.39 8.65 -3.08
N LYS A 282 -2.06 7.47 -2.57
CA LYS A 282 -1.38 6.42 -3.38
C LYS A 282 -2.12 5.09 -3.21
N ILE A 283 -3.44 5.13 -3.28
CA ILE A 283 -4.23 3.93 -2.86
C ILE A 283 -4.14 2.81 -3.90
N ILE A 284 -3.79 3.14 -5.13
CA ILE A 284 -3.63 2.13 -6.21
C ILE A 284 -2.22 1.54 -6.15
N VAL A 285 -1.21 2.37 -5.86
CA VAL A 285 0.15 1.87 -5.54
C VAL A 285 0.09 0.94 -4.33
N ASP A 286 -0.76 1.27 -3.36
CA ASP A 286 -0.85 0.47 -2.11
C ASP A 286 -1.47 -0.91 -2.34
N THR A 287 -2.18 -1.09 -3.46
CA THR A 287 -3.02 -2.28 -3.68
C THR A 287 -2.57 -2.99 -4.94
N TYR A 288 -3.30 -2.84 -6.04
CA TYR A 288 -3.15 -3.77 -7.19
C TYR A 288 -2.70 -3.07 -8.47
N GLY A 289 -2.31 -1.79 -8.42
CA GLY A 289 -1.71 -1.16 -9.61
C GLY A 289 -2.67 -1.03 -10.78
N GLY A 290 -3.97 -0.93 -10.50
CA GLY A 290 -4.99 -0.74 -11.55
C GLY A 290 -5.75 -2.01 -11.82
N TRP A 291 -5.16 -3.15 -11.47
CA TRP A 291 -5.83 -4.45 -11.62
C TRP A 291 -6.92 -4.60 -10.55
N GLY A 292 -7.79 -5.57 -10.74
CA GLY A 292 -8.83 -5.85 -9.74
C GLY A 292 -9.84 -4.72 -9.70
N ALA A 293 -9.91 -4.03 -8.57
CA ALA A 293 -10.80 -2.86 -8.36
C ALA A 293 -10.42 -2.21 -7.04
N HIS A 294 -10.93 -1.01 -6.83
CA HIS A 294 -10.69 -0.29 -5.55
C HIS A 294 -11.99 0.36 -5.12
N GLY A 295 -12.26 0.34 -3.81
CA GLY A 295 -13.44 0.99 -3.24
C GLY A 295 -13.21 2.41 -2.76
N GLY A 296 -11.97 2.89 -2.77
CA GLY A 296 -11.65 4.30 -2.49
C GLY A 296 -11.00 4.54 -1.14
N GLY A 297 -11.06 3.60 -0.21
CA GLY A 297 -10.58 3.82 1.16
C GLY A 297 -9.07 3.75 1.24
N ALA A 298 -8.49 4.70 1.95
CA ALA A 298 -7.04 4.71 2.24
C ALA A 298 -6.77 3.84 3.46
N PHE A 299 -5.55 3.32 3.57
CA PHE A 299 -5.17 2.41 4.67
C PHE A 299 -4.48 3.14 5.82
N SER A 300 -3.52 4.01 5.52
CA SER A 300 -2.55 4.44 6.54
C SER A 300 -3.19 5.37 7.56
N GLY A 301 -2.73 5.24 8.80
CA GLY A 301 -3.18 6.09 9.91
C GLY A 301 -4.46 5.62 10.57
N LYS A 302 -4.94 4.41 10.25
CA LYS A 302 -6.25 3.91 10.71
C LYS A 302 -6.08 2.62 11.49
N ASP A 303 -6.73 2.53 12.65
CA ASP A 303 -6.81 1.28 13.43
C ASP A 303 -7.82 0.32 12.77
N TYR A 304 -7.89 -0.89 13.30
CA TYR A 304 -8.62 -2.00 12.65
C TYR A 304 -10.13 -1.72 12.57
N THR A 305 -10.69 -0.87 13.42
CA THR A 305 -12.14 -0.62 13.37
C THR A 305 -12.50 0.11 12.08
N LYS A 306 -11.54 0.74 11.42
CA LYS A 306 -11.77 1.36 10.10
C LYS A 306 -11.67 0.25 9.07
N VAL A 307 -12.81 -0.21 8.59
CA VAL A 307 -12.91 -1.31 7.60
C VAL A 307 -12.23 -0.93 6.27
N ASP A 308 -12.00 0.35 5.98
CA ASP A 308 -11.17 0.73 4.82
C ASP A 308 -9.88 -0.08 4.81
N ARG A 309 -9.30 -0.30 5.99
CA ARG A 309 -8.06 -1.10 6.11
C ARG A 309 -8.40 -2.55 6.42
N SER A 310 -9.07 -2.84 7.54
CA SER A 310 -9.21 -4.24 8.00
C SER A 310 -9.97 -5.09 6.96
N ALA A 311 -11.03 -4.56 6.35
CA ALA A 311 -11.82 -5.38 5.41
C ALA A 311 -11.06 -5.51 4.08
N ALA A 312 -10.28 -4.51 3.68
CA ALA A 312 -9.46 -4.62 2.46
C ALA A 312 -8.39 -5.70 2.69
N TYR A 313 -7.78 -5.74 3.88
CA TYR A 313 -6.78 -6.79 4.20
C TYR A 313 -7.46 -8.15 4.19
N ALA A 314 -8.63 -8.24 4.82
CA ALA A 314 -9.37 -9.52 4.84
C ALA A 314 -9.76 -9.94 3.42
N ALA A 315 -10.16 -9.00 2.57
CA ALA A 315 -10.58 -9.34 1.20
C ALA A 315 -9.37 -9.86 0.40
N ARG A 316 -8.20 -9.26 0.58
CA ARG A 316 -6.96 -9.79 -0.02
C ARG A 316 -6.72 -11.22 0.47
N TRP A 317 -6.88 -11.44 1.76
CA TRP A 317 -6.68 -12.75 2.39
C TRP A 317 -7.63 -13.78 1.77
N VAL A 318 -8.89 -13.42 1.59
CA VAL A 318 -9.87 -14.33 0.94
C VAL A 318 -9.40 -14.61 -0.49
N ALA A 319 -9.11 -13.57 -1.26
CA ALA A 319 -8.74 -13.75 -2.68
C ALA A 319 -7.51 -14.65 -2.79
N LYS A 320 -6.49 -14.37 -2.00
CA LYS A 320 -5.24 -15.16 -2.06
C LYS A 320 -5.52 -16.60 -1.61
N SER A 321 -6.40 -16.79 -0.64
CA SER A 321 -6.78 -18.14 -0.16
C SER A 321 -7.46 -18.92 -1.28
N LEU A 322 -8.31 -18.27 -2.07
CA LEU A 322 -9.02 -18.95 -3.17
C LEU A 322 -8.01 -19.36 -4.26
N VAL A 323 -7.06 -18.51 -4.59
CA VAL A 323 -6.07 -18.82 -5.65
C VAL A 323 -5.08 -19.87 -5.14
N LYS A 324 -4.49 -19.67 -3.97
CA LYS A 324 -3.51 -20.65 -3.42
C LYS A 324 -4.19 -21.98 -3.09
N GLY A 325 -5.49 -21.97 -2.79
CA GLY A 325 -6.27 -23.21 -2.55
C GLY A 325 -6.60 -23.95 -3.83
N GLY A 326 -6.27 -23.41 -4.99
CA GLY A 326 -6.50 -24.05 -6.30
C GLY A 326 -7.94 -23.95 -6.78
N LEU A 327 -8.75 -23.06 -6.19
CA LEU A 327 -10.17 -22.92 -6.59
C LEU A 327 -10.30 -22.00 -7.81
N CYS A 328 -9.31 -21.18 -8.07
N CYS A 328 -9.41 -21.01 -7.93
CA CYS A 328 -9.33 -20.29 -9.24
CA CYS A 328 -9.38 -19.98 -9.02
C CYS A 328 -7.93 -19.75 -9.47
C CYS A 328 -7.92 -19.80 -9.48
N ARG A 329 -7.71 -19.26 -10.68
CA ARG A 329 -6.41 -18.69 -11.09
C ARG A 329 -6.38 -17.19 -10.80
N ARG A 330 -7.55 -16.56 -10.75
CA ARG A 330 -7.65 -15.09 -10.68
C ARG A 330 -9.01 -14.79 -10.08
N VAL A 331 -9.08 -13.85 -9.15
CA VAL A 331 -10.36 -13.62 -8.45
C VAL A 331 -10.40 -12.20 -7.91
N LEU A 332 -11.61 -11.66 -7.94
CA LEU A 332 -11.97 -10.35 -7.37
C LEU A 332 -13.06 -10.59 -6.34
N VAL A 333 -12.87 -10.01 -5.15
CA VAL A 333 -13.81 -10.11 -4.02
C VAL A 333 -14.28 -8.69 -3.73
N GLN A 334 -15.57 -8.44 -3.63
CA GLN A 334 -16.09 -7.17 -3.07
C GLN A 334 -16.79 -7.47 -1.75
N VAL A 335 -16.58 -6.58 -0.80
CA VAL A 335 -17.38 -6.52 0.45
C VAL A 335 -17.82 -5.07 0.65
N SER A 336 -18.84 -4.88 1.45
CA SER A 336 -19.27 -3.51 1.81
C SER A 336 -19.85 -3.52 3.21
N TYR A 337 -19.88 -2.35 3.83
CA TYR A 337 -20.28 -2.17 5.24
C TYR A 337 -21.14 -0.92 5.39
N ALA A 338 -21.86 -0.88 6.50
CA ALA A 338 -22.51 0.34 7.00
C ALA A 338 -21.91 0.70 8.34
N ILE A 339 -21.69 1.98 8.60
CA ILE A 339 -21.17 2.40 9.93
C ILE A 339 -22.08 1.82 11.02
N GLY A 340 -21.48 1.25 12.05
CA GLY A 340 -22.21 0.74 13.22
C GLY A 340 -22.73 -0.67 13.05
N VAL A 341 -22.58 -1.27 11.87
CA VAL A 341 -23.10 -2.63 11.58
C VAL A 341 -21.89 -3.56 11.42
N SER A 342 -21.88 -4.69 12.13
CA SER A 342 -20.71 -5.61 12.20
CA SER A 342 -20.69 -5.56 12.18
C SER A 342 -20.54 -6.36 10.88
N HIS A 343 -21.59 -7.04 10.44
CA HIS A 343 -21.51 -7.94 9.26
C HIS A 343 -21.48 -7.13 7.98
N PRO A 344 -20.75 -7.60 6.95
CA PRO A 344 -20.80 -6.99 5.63
CA PRO A 344 -20.81 -6.90 5.67
C PRO A 344 -22.24 -6.94 5.11
N LEU A 345 -22.57 -5.87 4.40
N LEU A 345 -22.60 -5.87 4.42
CA LEU A 345 -23.89 -5.68 3.73
CA LEU A 345 -23.91 -5.76 3.74
C LEU A 345 -23.97 -6.48 2.43
C LEU A 345 -23.95 -6.66 2.51
N SER A 346 -22.83 -6.76 1.81
CA SER A 346 -22.74 -7.48 0.53
C SER A 346 -21.39 -8.18 0.47
N ILE A 347 -21.38 -9.34 -0.17
CA ILE A 347 -20.13 -10.05 -0.53
C ILE A 347 -20.33 -10.55 -1.96
N SER A 348 -19.34 -10.35 -2.82
CA SER A 348 -19.41 -10.72 -4.25
C SER A 348 -18.07 -11.31 -4.65
N ILE A 349 -18.12 -12.34 -5.50
CA ILE A 349 -16.91 -13.06 -5.97
CA ILE A 349 -16.90 -13.03 -5.99
C ILE A 349 -16.99 -13.16 -7.50
N PHE A 350 -15.95 -12.70 -8.18
CA PHE A 350 -15.82 -12.84 -9.64
C PHE A 350 -14.54 -13.58 -9.94
N HIS A 351 -14.64 -14.73 -10.63
CA HIS A 351 -13.44 -15.57 -10.89
C HIS A 351 -12.93 -15.41 -12.33
N TYR A 352 -13.47 -14.48 -13.13
CA TYR A 352 -12.97 -14.15 -14.48
C TYR A 352 -13.06 -15.38 -15.41
N GLY A 353 -13.82 -16.40 -15.04
CA GLY A 353 -13.91 -17.66 -15.82
C GLY A 353 -12.80 -18.64 -15.47
N THR A 354 -12.07 -18.45 -14.37
CA THR A 354 -10.87 -19.26 -14.05
C THR A 354 -11.15 -20.33 -12.98
N SER A 355 -12.42 -20.61 -12.67
CA SER A 355 -12.80 -21.70 -11.74
C SER A 355 -13.78 -22.62 -12.46
N GLN A 356 -13.73 -23.92 -12.12
CA GLN A 356 -14.80 -24.88 -12.51
C GLN A 356 -16.02 -24.65 -11.62
N LYS A 357 -15.83 -24.08 -10.42
CA LYS A 357 -16.94 -23.78 -9.49
C LYS A 357 -17.64 -22.49 -9.93
N SER A 358 -18.95 -22.43 -9.72
CA SER A 358 -19.74 -21.20 -9.94
C SER A 358 -19.30 -20.15 -8.93
N GLU A 359 -19.49 -18.88 -9.27
CA GLU A 359 -19.21 -17.78 -8.32
C GLU A 359 -20.13 -17.98 -7.09
N ARG A 360 -21.34 -18.53 -7.25
CA ARG A 360 -22.25 -18.86 -6.12
C ARG A 360 -21.60 -19.90 -5.19
N GLU A 361 -21.00 -20.96 -5.74
CA GLU A 361 -20.31 -22.00 -4.93
C GLU A 361 -19.10 -21.38 -4.21
N LEU A 362 -18.35 -20.51 -4.86
CA LEU A 362 -17.19 -19.85 -4.21
C LEU A 362 -17.68 -18.98 -3.05
N LEU A 363 -18.80 -18.30 -3.25
CA LEU A 363 -19.38 -17.43 -2.20
C LEU A 363 -19.76 -18.30 -0.99
N GLU A 364 -20.35 -19.49 -1.21
CA GLU A 364 -20.68 -20.42 -0.10
C GLU A 364 -19.40 -20.89 0.61
N ILE A 365 -18.33 -21.19 -0.13
CA ILE A 365 -17.04 -21.58 0.49
C ILE A 365 -16.51 -20.43 1.34
N VAL A 366 -16.58 -19.21 0.83
CA VAL A 366 -16.08 -18.02 1.58
C VAL A 366 -16.92 -17.86 2.86
N LYS A 367 -18.25 -17.95 2.75
CA LYS A 367 -19.14 -17.75 3.91
C LYS A 367 -18.88 -18.85 4.96
N LYS A 368 -18.54 -20.08 4.53
CA LYS A 368 -18.28 -21.22 5.45
C LYS A 368 -16.92 -21.08 6.14
N ASN A 369 -15.97 -20.33 5.55
CA ASN A 369 -14.56 -20.33 6.01
C ASN A 369 -14.14 -19.00 6.65
N PHE A 370 -14.84 -17.90 6.37
CA PHE A 370 -14.42 -16.57 6.82
C PHE A 370 -15.55 -15.87 7.56
N ASP A 371 -15.15 -15.06 8.54
CA ASP A 371 -16.05 -14.17 9.31
C ASP A 371 -15.50 -12.76 9.12
N LEU A 372 -16.18 -11.94 8.36
CA LEU A 372 -15.63 -10.64 7.89
C LEU A 372 -16.20 -9.50 8.74
N ARG A 373 -16.65 -9.79 9.96
CA ARG A 373 -16.87 -8.72 10.96
C ARG A 373 -15.51 -8.15 11.37
N PRO A 374 -15.37 -6.81 11.51
CA PRO A 374 -14.07 -6.26 11.88
C PRO A 374 -13.55 -6.77 13.22
N GLY A 375 -14.46 -7.04 14.17
CA GLY A 375 -14.08 -7.56 15.49
C GLY A 375 -13.67 -9.02 15.48
N VAL A 376 -13.81 -9.70 14.34
CA VAL A 376 -13.23 -11.06 14.15
C VAL A 376 -11.99 -10.96 13.28
N ILE A 377 -12.03 -10.18 12.21
CA ILE A 377 -10.83 -9.95 11.36
C ILE A 377 -9.66 -9.56 12.27
N VAL A 378 -9.89 -8.69 13.25
CA VAL A 378 -8.78 -8.22 14.13
C VAL A 378 -8.07 -9.41 14.77
N ARG A 379 -8.82 -10.44 15.18
CA ARG A 379 -8.24 -11.63 15.82
C ARG A 379 -7.50 -12.47 14.77
N ASP A 380 -8.14 -12.73 13.64
CA ASP A 380 -7.56 -13.61 12.60
C ASP A 380 -6.27 -12.99 12.02
N LEU A 381 -6.24 -11.68 11.84
CA LEU A 381 -5.08 -11.01 11.17
C LEU A 381 -4.22 -10.24 12.18
N ASP A 382 -4.50 -10.35 13.48
CA ASP A 382 -3.64 -9.77 14.56
C ASP A 382 -3.49 -8.26 14.37
N LEU A 383 -4.59 -7.56 14.12
CA LEU A 383 -4.51 -6.15 13.64
C LEU A 383 -4.33 -5.13 14.76
N LYS A 384 -4.17 -5.55 16.01
CA LYS A 384 -3.71 -4.61 17.07
C LYS A 384 -2.18 -4.57 17.13
N LYS A 385 -1.48 -5.41 16.38
CA LYS A 385 0.01 -5.43 16.40
C LYS A 385 0.55 -4.21 15.67
N PRO A 386 1.56 -3.52 16.25
CA PRO A 386 2.12 -2.32 15.63
C PRO A 386 3.12 -2.62 14.50
N ILE A 387 2.61 -3.16 13.39
CA ILE A 387 3.44 -3.50 12.20
C ILE A 387 3.07 -2.60 11.03
N TYR A 388 2.30 -1.57 11.25
CA TYR A 388 1.70 -0.85 10.12
C TYR A 388 2.71 0.02 9.37
N GLN A 389 3.70 0.61 10.03
CA GLN A 389 4.67 1.44 9.26
C GLN A 389 5.32 0.57 8.17
N ARG A 390 5.53 -0.71 8.45
CA ARG A 390 6.14 -1.64 7.46
C ARG A 390 5.26 -1.80 6.21
N THR A 391 3.95 -1.58 6.33
CA THR A 391 3.02 -1.73 5.19
C THR A 391 3.03 -0.50 4.26
N ALA A 392 3.55 0.64 4.73
CA ALA A 392 3.20 1.96 4.15
C ALA A 392 4.11 2.39 2.99
N ALA A 393 5.04 1.53 2.55
CA ALA A 393 5.73 1.69 1.25
C ALA A 393 5.85 0.32 0.60
N TYR A 394 5.92 0.32 -0.73
CA TYR A 394 6.14 -0.89 -1.58
C TYR A 394 4.92 -1.80 -1.59
N GLY A 395 3.74 -1.27 -1.27
CA GLY A 395 2.48 -2.01 -1.36
C GLY A 395 2.13 -2.74 -0.09
N HIS A 396 0.86 -2.88 0.17
CA HIS A 396 0.39 -3.59 1.40
C HIS A 396 0.29 -5.09 1.16
N PHE A 397 0.31 -5.50 -0.10
CA PHE A 397 0.01 -6.87 -0.53
C PHE A 397 1.18 -7.43 -1.31
N GLY A 398 1.30 -8.75 -1.25
CA GLY A 398 2.29 -9.51 -2.02
C GLY A 398 3.67 -9.52 -1.41
N ARG A 399 3.84 -9.20 -0.14
CA ARG A 399 5.21 -9.29 0.43
C ARG A 399 5.19 -9.59 1.93
N ASP A 400 6.28 -10.20 2.38
CA ASP A 400 6.73 -10.30 3.80
C ASP A 400 5.81 -11.19 4.64
N SER A 401 4.95 -11.99 4.02
CA SER A 401 4.12 -12.98 4.75
C SER A 401 3.42 -12.30 5.95
N PHE A 402 2.90 -11.08 5.74
CA PHE A 402 1.92 -10.43 6.67
C PHE A 402 0.76 -11.41 6.85
N PRO A 403 -0.03 -11.33 7.94
CA PRO A 403 -1.07 -12.35 8.15
C PRO A 403 -2.05 -12.52 6.98
N TRP A 404 -2.38 -11.42 6.31
CA TRP A 404 -3.34 -11.46 5.16
C TRP A 404 -2.71 -12.09 3.92
N GLU A 405 -1.40 -12.35 3.96
CA GLU A 405 -0.67 -12.99 2.83
C GLU A 405 -0.46 -14.48 3.12
N VAL A 406 -0.90 -14.99 4.26
CA VAL A 406 -0.77 -16.42 4.61
C VAL A 406 -2.12 -17.04 4.29
N PRO A 407 -2.27 -17.85 3.22
CA PRO A 407 -3.58 -18.38 2.85
CA PRO A 407 -3.59 -18.34 2.86
C PRO A 407 -4.22 -19.21 3.97
N LYS A 408 -5.53 -19.08 4.11
CA LYS A 408 -6.33 -19.95 5.00
C LYS A 408 -6.56 -21.27 4.25
N LYS A 409 -6.34 -22.40 4.93
CA LYS A 409 -6.73 -23.74 4.43
C LYS A 409 -8.25 -23.83 4.44
N LEU A 410 -8.87 -24.03 3.27
CA LEU A 410 -10.34 -23.95 3.12
C LEU A 410 -10.97 -25.33 3.27
N LYS A 411 -12.05 -25.39 4.05
CA LYS A 411 -12.88 -26.59 4.28
C LYS A 411 -14.14 -26.47 3.44
N TYR A 412 -14.44 -27.47 2.61
CA TYR A 412 -15.63 -27.52 1.72
C TYR A 412 -15.75 -28.92 1.12
CS MTA B . 5.38 15.92 -11.05
S5' MTA B . 5.05 16.27 -9.34
C5' MTA B . 4.43 14.66 -8.82
C4' MTA B . 5.51 13.75 -8.33
O4' MTA B . 6.50 13.57 -9.37
C2' MTA B . 7.62 13.53 -7.29
O2' MTA B . 7.56 12.18 -6.89
C3' MTA B . 6.28 14.24 -7.11
O3' MTA B . 5.62 13.87 -5.91
C1' MTA B . 7.79 13.59 -8.80
N9 MTA B . 8.52 14.78 -9.26
C8 MTA B . 8.73 15.98 -8.63
N7 MTA B . 9.52 16.79 -9.29
C5 MTA B . 9.88 16.08 -10.42
C6 MTA B . 10.74 16.36 -11.49
N6 MTA B . 11.42 17.51 -11.60
N1 MTA B . 10.90 15.41 -12.43
C2 MTA B . 10.24 14.25 -12.29
N3 MTA B . 9.39 13.88 -11.34
C4 MTA B . 9.28 14.83 -10.41
N ABA C . 2.41 19.26 -7.93
CA ABA C . 3.22 19.10 -9.17
C ABA C . 3.28 20.42 -9.94
O ABA C . 3.33 20.43 -11.18
CB ABA C . 2.61 18.00 -10.07
CG ABA C . 2.17 16.75 -9.33
OXT ABA C . 3.28 21.48 -9.27
C1 WK5 D . -9.17 -3.86 -13.96
C3 WK5 D . -8.33 -5.34 -15.70
C4 WK5 D . -9.61 -5.72 -16.13
C5 WK5 D . -9.75 -6.62 -17.18
C6 WK5 D . -8.61 -7.12 -17.83
C7 WK5 D . -8.68 -8.07 -18.96
O9 WK5 D . -9.45 -9.72 -17.49
C11 WK5 D . -9.61 -11.65 -19.45
C12 WK5 D . -8.85 -9.91 -21.03
C15 WK5 D . -7.91 -6.45 -20.90
C16 WK5 D . -7.79 -6.78 -22.26
C17 WK5 D . -7.46 -5.80 -23.18
C18 WK5 D . -7.20 -4.52 -22.76
C19 WK5 D . -7.31 -4.20 -21.41
O20 WK5 D . -7.08 -2.92 -21.07
C21 WK5 D . -7.55 -2.40 -19.82
C24 WK5 D . -7.34 -6.71 -17.40
O2 WK5 D . -8.09 -4.46 -14.67
N8 WK5 D . -9.07 -9.33 -18.77
C10 WK5 D . -9.15 -10.24 -19.74
C13 WK5 D . -8.42 -8.63 -21.31
C14 WK5 D . -8.33 -7.68 -20.26
C22 WK5 D . -7.66 -5.16 -20.47
O23 WK5 D . -8.08 -8.07 -22.47
C25 WK5 D . -7.21 -5.84 -16.35
CL CL E . 10.24 5.39 12.09
CL CL F . 6.71 -15.39 -9.37
CL CL G . -16.68 -18.55 9.85
C1 EDO H . 16.46 -10.30 -12.39
C1 EDO H . 16.40 -10.19 -12.49
O1 EDO H . 15.95 -11.40 -11.67
O1 EDO H . 17.14 -10.71 -13.58
C2 EDO H . 17.37 -9.50 -11.57
C2 EDO H . 17.26 -9.52 -11.48
O2 EDO H . 18.54 -10.18 -11.20
O2 EDO H . 18.45 -10.19 -11.21
C1 EDO I . 9.68 -4.44 -2.73
O1 EDO I . 10.84 -5.23 -2.88
C2 EDO I . 8.45 -5.11 -3.23
O2 EDO I . 8.45 -6.51 -3.14
C1 EDO J . -10.68 -30.06 1.39
O1 EDO J . -11.44 -29.15 0.62
C2 EDO J . -11.17 -30.17 2.79
O2 EDO J . -12.53 -29.79 2.92
C1 EDO K . -9.42 -2.00 -2.37
C1 EDO K . -9.16 -1.91 -2.01
O1 EDO K . -10.77 -1.61 -2.19
O1 EDO K . -10.57 -1.68 -2.04
C2 EDO K . -8.82 -2.51 -1.12
C2 EDO K . -8.69 -2.91 -2.99
O2 EDO K . -7.51 -3.01 -1.29
O2 EDO K . -8.08 -2.43 -4.15
C1 EDO L . -6.50 -4.08 -26.83
C1 EDO L . -6.31 -3.63 -27.20
O1 EDO L . -5.92 -3.17 -25.91
O1 EDO L . -6.01 -3.11 -25.93
C2 EDO L . -5.68 -5.27 -27.07
C2 EDO L . -5.90 -5.03 -27.33
O2 EDO L . -4.47 -4.99 -27.74
O2 EDO L . -6.50 -5.81 -26.33
#